data_5UT1
#
_entry.id   5UT1
#
_cell.length_a   44.479
_cell.length_b   57.563
_cell.length_c   60.678
_cell.angle_alpha   90.00
_cell.angle_beta   110.30
_cell.angle_gamma   90.00
#
_symmetry.space_group_name_H-M   'P 1 21 1'
#
loop_
_entity.id
_entity.type
_entity.pdbx_description
1 polymer 'Tyrosine-protein kinase JAK2'
2 non-polymer GLYCEROL
3 non-polymer (7S)-2-[(3,5-difluoro-4-hydroxyphenyl)amino]-5,7-dimethyl-8-(3-methylbutyl)-7,8-dihydropteridin-6(5H)-one
4 water water
#
_entity_poly.entity_id   1
_entity_poly.type   'polypeptide(L)'
_entity_poly.pdbx_seq_one_letter_code
;VFHKIRNEDLIFNESLGQGTFTKIFKGVRREVGDYGQLHETEVLLKVLDKAHRNYSESFFEAASMMSKLSHKHLVLNYGV
CVCGDENILVQEFVKFGSLDTYLKKNKNCINILWKLEVAKQLAAAMHFLEENTLIHGNVCAKNILLIREEDRKTGNPPFI
KLSDPGISITVLPKDILQERIPWVPPECIENPKNLNLATDKWSFGTTLWEICSGGDKPLSALDSQRKLQFYEDRHQLPAP
KAAELANLINNCMDYEPDHRPSFRAIIRDLNSLFTPDLVPRGSHHHHHH
;
_entity_poly.pdbx_strand_id   A
#
# COMPACT_ATOMS: atom_id res chain seq x y z
N PHE A 2 2.81 9.10 18.79
CA PHE A 2 3.96 9.20 17.88
C PHE A 2 5.16 9.85 18.53
N HIS A 3 6.34 9.25 18.36
CA HIS A 3 7.57 9.84 18.86
C HIS A 3 7.89 11.11 18.07
N LYS A 4 8.27 12.16 18.76
CA LYS A 4 8.58 13.42 18.09
C LYS A 4 10.06 13.43 17.76
N ILE A 5 10.36 13.63 16.49
CA ILE A 5 11.73 13.73 16.01
C ILE A 5 12.00 15.18 15.67
N ARG A 6 13.17 15.69 16.09
CA ARG A 6 13.56 17.09 15.85
C ARG A 6 14.02 17.30 14.40
N ASN A 7 13.65 18.45 13.84
CA ASN A 7 14.10 18.80 12.49
C ASN A 7 15.62 18.69 12.39
N GLU A 8 16.32 19.13 13.42
CA GLU A 8 17.78 19.14 13.40
C GLU A 8 18.37 17.75 13.22
N ASP A 9 17.64 16.70 13.60
CA ASP A 9 18.17 15.36 13.50
C ASP A 9 17.88 14.72 12.15
N LEU A 10 17.25 15.45 11.23
CA LEU A 10 16.83 14.89 9.94
C LEU A 10 17.54 15.60 8.79
N ILE A 11 18.11 14.84 7.87
CA ILE A 11 18.72 15.39 6.67
C ILE A 11 17.89 14.91 5.49
N PHE A 12 17.36 15.83 4.71
CA PHE A 12 16.59 15.46 3.51
C PHE A 12 17.54 15.22 2.35
N ASN A 13 17.41 14.09 1.69
CA ASN A 13 18.13 13.84 0.46
C ASN A 13 17.17 13.68 -0.73
N GLU A 14 17.44 12.74 -1.64
CA GLU A 14 16.80 12.82 -2.95
C GLU A 14 15.32 12.55 -2.85
N SER A 15 14.58 13.24 -3.71
CA SER A 15 13.18 12.97 -3.90
C SER A 15 13.04 11.57 -4.50
N LEU A 16 12.09 10.82 -3.96
CA LEU A 16 11.76 9.48 -4.44
C LEU A 16 10.43 9.44 -5.18
N GLY A 17 9.62 10.47 -5.10
CA GLY A 17 8.34 10.49 -5.77
C GLY A 17 7.34 11.29 -4.96
N GLN A 18 6.07 10.97 -5.20
CA GLN A 18 4.94 11.67 -4.60
C GLN A 18 3.88 10.67 -4.16
N GLY A 19 3.06 11.10 -3.21
CA GLY A 19 1.82 10.41 -2.87
C GLY A 19 0.66 11.40 -2.98
N THR A 20 -0.54 11.03 -2.55
CA THR A 20 -1.64 11.99 -2.64
C THR A 20 -1.41 13.11 -1.67
N PHE A 21 -1.16 14.33 -2.20
CA PHE A 21 -0.88 15.57 -1.46
C PHE A 21 0.42 15.46 -0.65
N THR A 22 1.32 14.56 -1.00
CA THR A 22 2.57 14.44 -0.31
C THR A 22 3.72 14.40 -1.30
N LYS A 23 4.91 14.70 -0.80
CA LYS A 23 6.16 14.46 -1.51
C LYS A 23 7.01 13.55 -0.65
N ILE A 24 7.79 12.66 -1.27
CA ILE A 24 8.49 11.62 -0.57
C ILE A 24 9.98 11.74 -0.86
N PHE A 25 10.81 11.65 0.18
CA PHE A 25 12.27 11.81 0.06
C PHE A 25 13.00 10.67 0.77
N LYS A 26 14.19 10.36 0.27
CA LYS A 26 15.13 9.61 1.09
C LYS A 26 15.82 10.57 2.07
N GLY A 27 16.08 10.10 3.29
CA GLY A 27 16.71 10.99 4.24
C GLY A 27 17.57 10.20 5.20
N VAL A 28 18.16 10.92 6.16
CA VAL A 28 18.95 10.33 7.22
C VAL A 28 18.52 10.93 8.54
N ARG A 29 18.34 10.06 9.54
CA ARG A 29 18.02 10.45 10.91
C ARG A 29 19.23 10.15 11.80
N ARG A 30 19.77 11.20 12.45
CA ARG A 30 20.76 10.99 13.50
C ARG A 30 20.06 10.62 14.80
N GLU A 31 20.53 9.59 15.48
CA GLU A 31 19.83 9.18 16.70
C GLU A 31 20.79 8.47 17.62
N VAL A 32 20.44 8.43 18.89
CA VAL A 32 21.09 7.56 19.87
C VAL A 32 20.31 6.24 19.85
N GLY A 33 21.00 5.14 19.50
CA GLY A 33 20.40 3.83 19.45
C GLY A 33 20.71 3.01 20.69
N ASP A 34 20.57 1.69 20.55
CA ASP A 34 20.83 0.79 21.67
C ASP A 34 22.26 0.94 22.16
N TYR A 35 22.42 0.71 23.47
CA TYR A 35 23.66 0.86 24.22
C TYR A 35 24.22 2.28 24.13
N GLY A 36 23.40 3.26 23.75
CA GLY A 36 23.92 4.61 23.64
C GLY A 36 24.79 4.88 22.44
N GLN A 37 24.85 3.96 21.46
CA GLN A 37 25.63 4.23 20.25
C GLN A 37 24.92 5.23 19.37
N LEU A 38 25.71 6.14 18.78
CA LEU A 38 25.22 7.11 17.81
C LEU A 38 25.07 6.44 16.45
N HIS A 39 23.97 6.72 15.78
CA HIS A 39 23.64 6.14 14.48
C HIS A 39 23.21 7.23 13.53
N GLU A 40 23.50 7.02 12.24
CA GLU A 40 22.91 7.79 11.15
C GLU A 40 22.10 6.81 10.32
N THR A 41 20.79 6.83 10.50
CA THR A 41 19.88 5.83 9.95
C THR A 41 19.17 6.34 8.69
N GLU A 42 19.22 5.54 7.62
CA GLU A 42 18.47 5.88 6.41
C GLU A 42 16.98 5.81 6.72
N VAL A 43 16.23 6.81 6.26
CA VAL A 43 14.80 6.88 6.55
C VAL A 43 14.05 7.32 5.28
N LEU A 44 12.76 7.04 5.28
CA LEU A 44 11.82 7.54 4.28
C LEU A 44 11.07 8.70 4.90
N LEU A 45 11.06 9.86 4.22
CA LEU A 45 10.44 11.09 4.74
C LEU A 45 9.24 11.39 3.86
N LYS A 46 8.04 11.31 4.44
CA LYS A 46 6.82 11.68 3.71
C LYS A 46 6.41 13.05 4.21
N VAL A 47 6.25 13.98 3.29
CA VAL A 47 6.02 15.40 3.61
C VAL A 47 4.65 15.79 3.08
N LEU A 48 3.73 16.12 3.98
CA LEU A 48 2.43 16.67 3.55
C LEU A 48 2.65 18.02 2.87
N ASP A 49 2.08 18.20 1.68
CA ASP A 49 2.15 19.50 1.02
C ASP A 49 1.62 20.59 1.95
N LYS A 50 2.28 21.75 1.94
CA LYS A 50 1.80 22.87 2.78
C LYS A 50 0.45 23.39 2.30
N ALA A 51 0.23 23.43 0.97
CA ALA A 51 -1.08 23.82 0.47
C ALA A 51 -2.19 22.88 0.93
N HIS A 52 -1.87 21.75 1.54
CA HIS A 52 -2.86 20.80 1.97
C HIS A 52 -2.76 20.50 3.44
N ARG A 53 -2.18 21.44 4.20
CA ARG A 53 -2.08 21.31 5.65
C ARG A 53 -3.40 20.90 6.32
N ASN A 54 -4.54 21.27 5.73
CA ASN A 54 -5.84 20.91 6.29
C ASN A 54 -6.09 19.41 6.32
N TYR A 55 -5.23 18.61 5.70
CA TYR A 55 -5.35 17.15 5.75
C TYR A 55 -4.45 16.53 6.82
N SER A 56 -3.83 17.37 7.66
CA SER A 56 -2.78 16.84 8.55
C SER A 56 -3.34 15.74 9.44
N GLU A 57 -4.51 15.95 10.05
CA GLU A 57 -5.08 14.93 10.93
C GLU A 57 -5.17 13.59 10.20
N SER A 58 -5.77 13.59 8.99
CA SER A 58 -5.93 12.32 8.29
C SER A 58 -4.58 11.75 7.91
N PHE A 59 -3.67 12.63 7.45
CA PHE A 59 -2.33 12.22 7.05
C PHE A 59 -1.64 11.45 8.17
N PHE A 60 -1.78 11.92 9.42
CA PHE A 60 -1.07 11.21 10.48
C PHE A 60 -1.91 10.05 11.01
N GLU A 61 -3.24 10.18 10.97
CA GLU A 61 -4.10 9.11 11.41
C GLU A 61 -3.81 7.85 10.61
N ALA A 62 -3.55 8.04 9.30
CA ALA A 62 -3.19 6.94 8.43
C ALA A 62 -2.00 6.18 8.98
N ALA A 63 -0.96 6.89 9.38
CA ALA A 63 0.21 6.18 9.89
C ALA A 63 -0.04 5.68 11.28
N SER A 64 -0.84 6.40 12.08
CA SER A 64 -0.91 6.04 13.49
C SER A 64 -1.59 4.69 13.62
N MET A 65 -2.62 4.45 12.80
CA MET A 65 -3.27 3.16 12.74
C MET A 65 -2.24 2.05 12.52
N MET A 66 -1.38 2.24 11.51
CA MET A 66 -0.37 1.23 11.20
C MET A 66 0.51 0.96 12.42
N SER A 67 0.75 1.96 13.25
CA SER A 67 1.65 1.76 14.37
C SER A 67 0.94 1.27 15.63
N LYS A 68 -0.39 1.21 15.65
CA LYS A 68 -1.08 0.62 16.79
C LYS A 68 -0.76 -0.87 16.95
N LEU A 69 -0.54 -1.57 15.84
CA LEU A 69 -0.17 -2.98 15.84
C LEU A 69 1.23 -3.14 15.26
N SER A 70 1.93 -4.15 15.73
CA SER A 70 3.28 -4.46 15.30
C SER A 70 3.27 -5.82 14.58
N HIS A 71 3.86 -5.90 13.40
CA HIS A 71 3.78 -7.14 12.63
C HIS A 71 4.90 -7.14 11.60
N LYS A 72 5.42 -8.34 11.29
CA LYS A 72 6.59 -8.42 10.42
C LYS A 72 6.30 -7.92 9.01
N HIS A 73 5.02 -7.88 8.59
CA HIS A 73 4.63 -7.45 7.25
C HIS A 73 4.06 -6.03 7.21
N LEU A 74 4.18 -5.27 8.30
CA LEU A 74 3.73 -3.87 8.35
C LEU A 74 4.95 -2.96 8.50
N VAL A 75 4.95 -1.87 7.73
CA VAL A 75 6.05 -0.91 7.70
C VAL A 75 6.28 -0.33 9.09
N LEU A 76 7.54 -0.04 9.39
CA LEU A 76 7.87 0.54 10.68
C LEU A 76 7.81 2.07 10.59
N ASN A 77 7.01 2.69 11.44
CA ASN A 77 7.02 4.14 11.61
C ASN A 77 8.01 4.49 12.69
N TYR A 78 8.95 5.39 12.39
CA TYR A 78 9.86 5.86 13.43
C TYR A 78 9.30 7.04 14.21
N GLY A 79 8.45 7.86 13.60
CA GLY A 79 7.97 9.00 14.36
C GLY A 79 7.53 10.11 13.41
N VAL A 80 7.35 11.30 13.96
CA VAL A 80 6.91 12.42 13.16
C VAL A 80 7.81 13.60 13.47
N CYS A 81 7.92 14.50 12.50
CA CYS A 81 8.54 15.80 12.69
C CYS A 81 7.48 16.85 12.35
N VAL A 82 7.07 17.61 13.36
CA VAL A 82 6.09 18.65 13.14
C VAL A 82 6.71 19.97 13.55
N CYS A 83 8.05 20.05 13.46
CA CYS A 83 8.73 21.32 13.69
C CYS A 83 8.32 22.34 12.63
N GLY A 84 8.34 23.61 13.02
CA GLY A 84 8.01 24.66 12.07
C GLY A 84 6.69 24.43 11.37
N ASP A 85 6.66 24.75 10.08
CA ASP A 85 5.46 24.65 9.27
C ASP A 85 5.35 23.30 8.54
N GLU A 86 6.13 22.31 8.94
CA GLU A 86 6.18 21.05 8.23
CA GLU A 86 6.18 21.05 8.23
C GLU A 86 5.39 19.98 8.96
N ASN A 87 4.80 19.07 8.17
CA ASN A 87 4.13 17.88 8.69
C ASN A 87 4.85 16.70 8.06
N ILE A 88 5.69 16.02 8.82
CA ILE A 88 6.56 15.00 8.24
C ILE A 88 6.36 13.69 8.97
N LEU A 89 6.22 12.63 8.20
CA LEU A 89 6.15 11.27 8.69
C LEU A 89 7.49 10.60 8.41
N VAL A 90 8.07 9.97 9.44
CA VAL A 90 9.39 9.36 9.35
C VAL A 90 9.23 7.85 9.46
N GLN A 91 9.58 7.14 8.38
CA GLN A 91 9.43 5.69 8.29
C GLN A 91 10.73 4.98 7.92
N GLU A 92 10.72 3.66 8.11
CA GLU A 92 11.86 2.85 7.69
C GLU A 92 12.08 3.00 6.19
N PHE A 93 13.34 2.93 5.78
CA PHE A 93 13.67 3.05 4.37
C PHE A 93 13.94 1.65 3.83
N VAL A 94 13.37 1.35 2.66
CA VAL A 94 13.45 0.04 2.04
C VAL A 94 14.28 0.18 0.78
N LYS A 95 15.38 -0.58 0.71
CA LYS A 95 16.31 -0.45 -0.40
C LYS A 95 15.64 -0.66 -1.76
N PHE A 96 14.68 -1.58 -1.86
CA PHE A 96 14.25 -1.99 -3.18
C PHE A 96 12.99 -1.28 -3.65
N GLY A 97 12.46 -0.36 -2.87
CA GLY A 97 11.37 0.48 -3.32
C GLY A 97 10.00 -0.21 -3.28
N SER A 98 9.07 0.43 -3.97
CA SER A 98 7.69 -0.03 -3.88
C SER A 98 7.45 -1.10 -4.94
N LEU A 99 6.39 -1.88 -4.74
CA LEU A 99 6.19 -3.08 -5.54
C LEU A 99 5.81 -2.74 -6.99
N ASP A 100 5.06 -1.65 -7.22
CA ASP A 100 4.63 -1.35 -8.58
C ASP A 100 5.83 -1.11 -9.52
N THR A 101 6.78 -0.28 -9.06
CA THR A 101 7.99 -0.06 -9.83
C THR A 101 8.75 -1.36 -10.02
N TYR A 102 8.91 -2.13 -8.95
CA TYR A 102 9.73 -3.32 -9.01
C TYR A 102 9.16 -4.30 -10.03
N LEU A 103 7.84 -4.47 -10.04
CA LEU A 103 7.21 -5.35 -11.02
C LEU A 103 7.45 -4.86 -12.43
N LYS A 104 7.35 -3.55 -12.67
CA LYS A 104 7.61 -3.06 -14.02
C LYS A 104 9.06 -3.34 -14.43
N LYS A 105 10.02 -2.97 -13.58
CA LYS A 105 11.42 -3.08 -13.95
C LYS A 105 11.90 -4.53 -14.01
N ASN A 106 11.30 -5.44 -13.25
CA ASN A 106 11.82 -6.81 -13.20
C ASN A 106 10.85 -7.82 -13.78
N LYS A 107 9.94 -7.40 -14.68
CA LYS A 107 8.88 -8.30 -15.12
C LYS A 107 9.39 -9.50 -15.89
N ASN A 108 10.54 -9.37 -16.54
CA ASN A 108 11.08 -10.49 -17.30
C ASN A 108 11.75 -11.54 -16.43
N CYS A 109 11.78 -11.37 -15.11
CA CYS A 109 12.42 -12.36 -14.26
C CYS A 109 11.63 -12.60 -12.98
N ILE A 110 10.31 -12.41 -13.05
CA ILE A 110 9.39 -12.68 -11.96
C ILE A 110 8.43 -13.74 -12.46
N ASN A 111 8.43 -14.91 -11.83
CA ASN A 111 7.58 -16.01 -12.28
C ASN A 111 6.44 -16.23 -11.30
N ILE A 112 5.68 -17.28 -11.57
CA ILE A 112 4.44 -17.50 -10.84
C ILE A 112 4.72 -17.77 -9.38
N LEU A 113 5.83 -18.45 -9.07
CA LEU A 113 6.15 -18.75 -7.67
C LEU A 113 6.49 -17.50 -6.89
N TRP A 114 7.24 -16.59 -7.51
CA TRP A 114 7.47 -15.28 -6.88
C TRP A 114 6.15 -14.56 -6.64
N LYS A 115 5.26 -14.56 -7.63
CA LYS A 115 4.01 -13.83 -7.46
C LYS A 115 3.14 -14.45 -6.37
N LEU A 116 3.13 -15.78 -6.28
CA LEU A 116 2.36 -16.49 -5.27
C LEU A 116 2.91 -16.23 -3.88
N GLU A 117 4.25 -16.19 -3.75
CA GLU A 117 4.86 -15.91 -2.46
C GLU A 117 4.51 -14.51 -1.98
N VAL A 118 4.57 -13.54 -2.91
CA VAL A 118 4.24 -12.15 -2.57
C VAL A 118 2.76 -12.01 -2.24
N ALA A 119 1.89 -12.70 -3.00
CA ALA A 119 0.45 -12.66 -2.72
C ALA A 119 0.16 -13.25 -1.35
N LYS A 120 0.81 -14.35 -1.00
CA LYS A 120 0.64 -14.98 0.31
C LYS A 120 1.05 -14.07 1.45
N GLN A 121 2.19 -13.38 1.30
CA GLN A 121 2.62 -12.45 2.35
C GLN A 121 1.64 -11.30 2.49
N LEU A 122 1.17 -10.72 1.37
CA LEU A 122 0.18 -9.65 1.50
C LEU A 122 -1.11 -10.19 2.14
N ALA A 123 -1.54 -11.37 1.72
CA ALA A 123 -2.70 -11.99 2.36
C ALA A 123 -2.47 -12.16 3.87
N ALA A 124 -1.27 -12.53 4.27
CA ALA A 124 -1.03 -12.70 5.72
C ALA A 124 -1.15 -11.37 6.45
N ALA A 125 -0.62 -10.31 5.85
CA ALA A 125 -0.71 -8.98 6.47
C ALA A 125 -2.18 -8.58 6.60
N MET A 126 -2.97 -8.81 5.54
CA MET A 126 -4.36 -8.39 5.58
C MET A 126 -5.16 -9.26 6.54
N HIS A 127 -4.82 -10.54 6.67
CA HIS A 127 -5.45 -11.39 7.67
C HIS A 127 -5.16 -10.87 9.07
N PHE A 128 -3.93 -10.45 9.32
CA PHE A 128 -3.59 -9.87 10.61
C PHE A 128 -4.47 -8.65 10.89
N LEU A 129 -4.61 -7.78 9.90
CA LEU A 129 -5.44 -6.60 10.07
C LEU A 129 -6.89 -6.98 10.28
N GLU A 130 -7.39 -7.92 9.47
CA GLU A 130 -8.78 -8.33 9.58
C GLU A 130 -9.08 -8.93 10.95
N GLU A 131 -8.14 -9.70 11.52
CA GLU A 131 -8.40 -10.26 12.84
C GLU A 131 -8.42 -9.17 13.90
N ASN A 132 -7.69 -8.09 13.68
CA ASN A 132 -7.69 -6.93 14.56
C ASN A 132 -8.77 -5.92 14.20
N THR A 133 -9.61 -6.27 13.22
CA THR A 133 -10.68 -5.42 12.71
C THR A 133 -10.17 -4.00 12.41
N LEU A 134 -9.02 -3.92 11.77
CA LEU A 134 -8.40 -2.64 11.42
C LEU A 134 -8.42 -2.47 9.90
N ILE A 135 -9.10 -1.43 9.43
CA ILE A 135 -9.22 -1.16 8.00
C ILE A 135 -7.96 -0.48 7.49
N HIS A 136 -7.44 -0.96 6.37
CA HIS A 136 -6.32 -0.25 5.73
C HIS A 136 -6.85 0.89 4.89
N GLY A 137 -7.67 0.55 3.86
CA GLY A 137 -8.32 1.55 3.04
C GLY A 137 -7.60 1.94 1.75
N ASN A 138 -6.34 1.54 1.57
CA ASN A 138 -5.64 1.85 0.32
C ASN A 138 -4.62 0.76 -0.02
N VAL A 139 -5.08 -0.49 -0.14
CA VAL A 139 -4.19 -1.57 -0.59
C VAL A 139 -3.91 -1.42 -2.08
N CYS A 140 -2.63 -1.33 -2.43
CA CYS A 140 -2.22 -1.25 -3.84
C CYS A 140 -0.73 -1.51 -3.89
N ALA A 141 -0.25 -1.83 -5.09
CA ALA A 141 1.16 -2.21 -5.23
C ALA A 141 2.09 -1.07 -4.85
N LYS A 142 1.67 0.17 -5.10
CA LYS A 142 2.50 1.30 -4.74
C LYS A 142 2.65 1.44 -3.23
N ASN A 143 1.74 0.80 -2.46
CA ASN A 143 1.84 0.83 -1.01
C ASN A 143 2.46 -0.45 -0.44
N ILE A 144 3.04 -1.30 -1.29
CA ILE A 144 3.83 -2.44 -0.82
C ILE A 144 5.31 -2.17 -1.06
N LEU A 145 6.14 -2.48 -0.06
CA LEU A 145 7.59 -2.29 -0.14
C LEU A 145 8.29 -3.64 -0.20
N LEU A 146 9.35 -3.70 -0.99
CA LEU A 146 10.13 -4.93 -1.16
C LEU A 146 11.35 -4.82 -0.27
N ILE A 147 11.30 -5.49 0.88
CA ILE A 147 12.40 -5.52 1.84
C ILE A 147 13.59 -6.29 1.28
N ARG A 148 13.31 -7.44 0.67
CA ARG A 148 14.33 -8.39 0.28
C ARG A 148 13.97 -8.97 -1.06
N GLU A 149 14.94 -9.04 -1.98
CA GLU A 149 14.72 -9.75 -3.22
C GLU A 149 14.75 -11.25 -3.01
N GLU A 150 14.14 -11.95 -3.96
CA GLU A 150 14.32 -13.40 -4.03
C GLU A 150 15.77 -13.74 -4.29
N ASP A 151 16.27 -14.75 -3.60
CA ASP A 151 17.60 -15.32 -3.88
C ASP A 151 17.43 -16.82 -4.08
N ARG A 152 17.25 -17.23 -5.34
CA ARG A 152 17.07 -18.66 -5.63
C ARG A 152 18.24 -19.49 -5.12
N LYS A 153 19.46 -18.97 -5.27
CA LYS A 153 20.66 -19.71 -4.88
C LYS A 153 20.66 -20.10 -3.41
N THR A 154 19.90 -19.40 -2.56
CA THR A 154 19.75 -19.78 -1.15
C THR A 154 18.30 -20.10 -0.81
N GLY A 155 17.48 -20.41 -1.80
CA GLY A 155 16.05 -20.65 -1.59
C GLY A 155 15.25 -19.51 -0.94
N ASN A 156 15.84 -18.34 -0.77
CA ASN A 156 15.18 -17.27 -0.01
C ASN A 156 14.07 -16.60 -0.83
N PRO A 157 12.84 -16.60 -0.34
CA PRO A 157 11.76 -15.90 -1.06
C PRO A 157 11.96 -14.41 -1.00
N PRO A 158 11.26 -13.64 -1.84
CA PRO A 158 11.16 -12.21 -1.57
C PRO A 158 10.46 -11.98 -0.23
N PHE A 159 10.59 -10.78 0.30
CA PHE A 159 9.88 -10.42 1.52
C PHE A 159 9.37 -9.00 1.33
N ILE A 160 8.07 -8.77 1.62
CA ILE A 160 7.38 -7.50 1.45
C ILE A 160 6.80 -7.02 2.77
N LYS A 161 6.51 -5.72 2.81
CA LYS A 161 5.70 -5.13 3.87
C LYS A 161 4.66 -4.23 3.24
N LEU A 162 3.52 -4.13 3.90
CA LEU A 162 2.46 -3.19 3.54
C LEU A 162 2.74 -1.86 4.23
N SER A 163 2.69 -0.76 3.47
CA SER A 163 2.92 0.57 4.05
C SER A 163 1.58 1.20 4.43
N ASP A 164 1.60 2.43 4.97
CA ASP A 164 0.33 3.01 5.44
C ASP A 164 -0.53 3.48 4.26
N PRO A 165 -1.85 3.64 4.46
CA PRO A 165 -2.72 3.99 3.31
C PRO A 165 -2.63 5.44 2.85
N GLY A 166 -1.92 6.32 3.55
CA GLY A 166 -2.02 7.75 3.22
C GLY A 166 -3.40 8.31 3.58
N ILE A 167 -3.61 9.58 3.20
CA ILE A 167 -4.84 10.28 3.55
C ILE A 167 -6.05 9.45 3.12
N SER A 168 -7.03 9.32 4.01
CA SER A 168 -8.12 8.39 3.83
C SER A 168 -9.05 8.77 2.67
N ILE A 169 -9.59 7.76 1.96
CA ILE A 169 -10.60 8.04 0.94
C ILE A 169 -11.86 8.67 1.54
N THR A 170 -12.04 8.60 2.87
CA THR A 170 -13.23 9.23 3.42
C THR A 170 -13.13 10.75 3.42
N VAL A 171 -11.95 11.32 3.20
CA VAL A 171 -11.85 12.78 3.13
C VAL A 171 -11.32 13.28 1.80
N LEU A 172 -11.06 12.39 0.83
CA LEU A 172 -10.46 12.92 -0.38
C LEU A 172 -11.52 13.41 -1.35
N PRO A 173 -11.15 14.36 -2.22
CA PRO A 173 -12.09 14.86 -3.23
C PRO A 173 -12.55 13.74 -4.13
N LYS A 174 -13.78 13.87 -4.65
CA LYS A 174 -14.37 12.78 -5.44
C LYS A 174 -13.60 12.52 -6.74
N ASP A 175 -12.99 13.55 -7.34
CA ASP A 175 -12.25 13.30 -8.59
C ASP A 175 -11.05 12.38 -8.35
N ILE A 176 -10.40 12.50 -7.19
CA ILE A 176 -9.28 11.62 -6.89
C ILE A 176 -9.77 10.19 -6.65
N LEU A 177 -10.89 10.05 -5.93
CA LEU A 177 -11.46 8.72 -5.74
C LEU A 177 -11.77 8.06 -7.08
N GLN A 178 -12.35 8.82 -8.00
CA GLN A 178 -12.69 8.23 -9.29
C GLN A 178 -11.43 7.86 -10.06
N GLU A 179 -10.38 8.69 -9.99
CA GLU A 179 -9.12 8.31 -10.62
C GLU A 179 -8.53 7.05 -10.01
N ARG A 180 -8.90 6.71 -8.76
CA ARG A 180 -8.40 5.50 -8.13
C ARG A 180 -9.26 4.25 -8.40
N ILE A 181 -10.27 4.35 -9.24
CA ILE A 181 -10.91 3.11 -9.74
C ILE A 181 -9.86 2.34 -10.56
N PRO A 182 -9.71 1.01 -10.41
CA PRO A 182 -10.51 0.03 -9.65
C PRO A 182 -9.90 -0.45 -8.32
N TRP A 183 -9.06 0.36 -7.68
CA TRP A 183 -8.65 0.01 -6.32
C TRP A 183 -9.72 0.40 -5.32
N VAL A 184 -10.33 1.56 -5.51
CA VAL A 184 -11.45 1.98 -4.67
C VAL A 184 -12.66 1.17 -5.09
N PRO A 185 -13.32 0.49 -4.17
CA PRO A 185 -14.43 -0.41 -4.53
C PRO A 185 -15.69 0.35 -4.90
N PRO A 186 -16.59 -0.29 -5.65
CA PRO A 186 -17.80 0.42 -6.11
C PRO A 186 -18.60 1.08 -5.01
N GLU A 187 -18.72 0.41 -3.85
CA GLU A 187 -19.56 0.95 -2.79
C GLU A 187 -18.95 2.21 -2.18
N CYS A 188 -17.62 2.37 -2.28
CA CYS A 188 -16.98 3.57 -1.77
C CYS A 188 -17.04 4.70 -2.79
N ILE A 189 -17.13 4.39 -4.09
CA ILE A 189 -17.45 5.42 -5.06
C ILE A 189 -18.85 5.94 -4.81
N GLU A 190 -19.80 5.03 -4.57
CA GLU A 190 -21.16 5.48 -4.28
C GLU A 190 -21.22 6.29 -2.98
N ASN A 191 -20.45 5.90 -1.96
CA ASN A 191 -20.44 6.62 -0.68
C ASN A 191 -19.13 6.35 0.05
N PRO A 192 -18.17 7.26 0.00
CA PRO A 192 -16.87 7.01 0.66
C PRO A 192 -16.98 6.63 2.13
N LYS A 193 -18.06 7.00 2.81
CA LYS A 193 -18.22 6.54 4.19
C LYS A 193 -18.61 5.06 4.29
N ASN A 194 -18.86 4.37 3.18
CA ASN A 194 -19.02 2.91 3.13
C ASN A 194 -17.68 2.19 3.39
N LEU A 195 -16.61 2.89 3.77
CA LEU A 195 -15.33 2.21 3.99
C LEU A 195 -15.47 1.20 5.12
N ASN A 196 -14.94 -0.01 4.90
CA ASN A 196 -15.27 -1.17 5.74
C ASN A 196 -14.16 -2.19 5.54
N LEU A 197 -14.16 -3.25 6.34
CA LEU A 197 -13.19 -4.31 6.10
C LEU A 197 -13.33 -4.89 4.70
N ALA A 198 -14.57 -5.03 4.20
CA ALA A 198 -14.77 -5.61 2.85
C ALA A 198 -14.08 -4.79 1.77
N THR A 199 -13.91 -3.47 2.01
CA THR A 199 -13.16 -2.62 1.06
C THR A 199 -11.81 -3.24 0.71
N ASP A 200 -11.06 -3.68 1.75
CA ASP A 200 -9.69 -4.14 1.53
C ASP A 200 -9.66 -5.47 0.78
N LYS A 201 -10.69 -6.30 0.91
CA LYS A 201 -10.74 -7.49 0.07
C LYS A 201 -10.82 -7.11 -1.40
N TRP A 202 -11.67 -6.15 -1.74
CA TRP A 202 -11.72 -5.74 -3.16
C TRP A 202 -10.37 -5.17 -3.61
N SER A 203 -9.80 -4.22 -2.86
CA SER A 203 -8.51 -3.63 -3.28
C SER A 203 -7.39 -4.67 -3.32
N PHE A 204 -7.45 -5.63 -2.41
CA PHE A 204 -6.51 -6.74 -2.47
C PHE A 204 -6.62 -7.44 -3.81
N GLY A 205 -7.86 -7.68 -4.29
CA GLY A 205 -7.97 -8.29 -5.60
C GLY A 205 -7.31 -7.46 -6.68
N THR A 206 -7.56 -6.14 -6.65
CA THR A 206 -6.94 -5.25 -7.65
C THR A 206 -5.42 -5.31 -7.57
N THR A 207 -4.89 -5.46 -6.36
CA THR A 207 -3.45 -5.47 -6.15
C THR A 207 -2.85 -6.78 -6.67
N LEU A 208 -3.57 -7.88 -6.50
CA LEU A 208 -3.18 -9.14 -7.12
C LEU A 208 -3.11 -9.02 -8.64
N TRP A 209 -4.08 -8.35 -9.22
CA TRP A 209 -4.02 -8.12 -10.67
C TRP A 209 -2.75 -7.34 -11.05
N GLU A 210 -2.40 -6.32 -10.26
CA GLU A 210 -1.13 -5.61 -10.51
C GLU A 210 0.04 -6.57 -10.46
N ILE A 211 0.09 -7.40 -9.41
CA ILE A 211 1.22 -8.30 -9.23
C ILE A 211 1.36 -9.26 -10.40
N CYS A 212 0.23 -9.69 -10.95
CA CYS A 212 0.22 -10.61 -12.08
C CYS A 212 0.41 -9.91 -13.43
N SER A 213 0.40 -8.57 -13.45
CA SER A 213 0.44 -7.83 -14.72
C SER A 213 1.73 -7.03 -14.90
N GLY A 214 2.81 -7.45 -14.26
CA GLY A 214 4.10 -6.78 -14.41
C GLY A 214 4.04 -5.28 -14.15
N GLY A 215 3.15 -4.87 -13.24
CA GLY A 215 3.04 -3.47 -12.88
C GLY A 215 2.16 -2.60 -13.75
N ASP A 216 1.43 -3.16 -14.72
CA ASP A 216 0.45 -2.37 -15.44
C ASP A 216 -0.60 -1.86 -14.47
N LYS A 217 -1.21 -0.72 -14.80
CA LYS A 217 -2.33 -0.23 -14.01
C LYS A 217 -3.63 -0.66 -14.67
N PRO A 218 -4.50 -1.38 -13.97
CA PRO A 218 -5.75 -1.80 -14.59
C PRO A 218 -6.60 -0.59 -14.91
N LEU A 219 -7.22 -0.63 -16.08
CA LEU A 219 -8.12 0.40 -16.58
C LEU A 219 -7.40 1.71 -16.82
N SER A 220 -6.08 1.70 -17.01
CA SER A 220 -5.39 2.98 -17.14
C SER A 220 -5.79 3.68 -18.43
N ALA A 221 -6.23 2.94 -19.44
CA ALA A 221 -6.68 3.57 -20.69
C ALA A 221 -8.04 4.27 -20.56
N LEU A 222 -8.75 4.10 -19.43
CA LEU A 222 -10.08 4.67 -19.23
C LEU A 222 -9.95 5.98 -18.45
N ASP A 223 -10.52 7.07 -18.98
CA ASP A 223 -10.59 8.29 -18.17
C ASP A 223 -11.60 8.09 -17.02
N SER A 224 -11.68 9.09 -16.11
CA SER A 224 -12.50 8.96 -14.92
C SER A 224 -13.96 8.61 -15.25
N GLN A 225 -14.52 9.27 -16.26
CA GLN A 225 -15.90 9.01 -16.65
C GLN A 225 -16.08 7.56 -17.06
N ARG A 226 -15.15 7.01 -17.83
CA ARG A 226 -15.28 5.63 -18.27
C ARG A 226 -14.98 4.65 -17.14
N LYS A 227 -14.13 5.02 -16.17
CA LYS A 227 -13.94 4.13 -15.03
C LYS A 227 -15.23 4.01 -14.19
N LEU A 228 -15.90 5.15 -13.99
CA LEU A 228 -17.20 5.14 -13.33
C LEU A 228 -18.21 4.26 -14.08
N GLN A 229 -18.24 4.39 -15.41
CA GLN A 229 -19.19 3.56 -16.15
C GLN A 229 -18.79 2.08 -16.11
N PHE A 230 -17.50 1.80 -15.99
CA PHE A 230 -17.06 0.43 -15.76
C PHE A 230 -17.73 -0.15 -14.53
N TYR A 231 -17.83 0.64 -13.45
CA TYR A 231 -18.55 0.13 -12.27
C TYR A 231 -20.05 0.05 -12.53
N GLU A 232 -20.61 1.04 -13.24
CA GLU A 232 -22.06 1.04 -13.42
C GLU A 232 -22.49 -0.15 -14.26
N ASP A 233 -21.66 -0.57 -15.20
CA ASP A 233 -21.95 -1.73 -16.03
C ASP A 233 -21.45 -3.03 -15.42
N ARG A 234 -20.86 -2.96 -14.23
CA ARG A 234 -20.51 -4.15 -13.43
C ARG A 234 -19.54 -5.07 -14.17
N HIS A 235 -18.56 -4.46 -14.80
CA HIS A 235 -17.48 -5.19 -15.44
C HIS A 235 -16.47 -5.72 -14.40
N GLN A 236 -15.74 -6.76 -14.78
CA GLN A 236 -14.62 -7.25 -14.01
C GLN A 236 -13.35 -6.97 -14.79
N LEU A 237 -12.22 -7.14 -14.14
CA LEU A 237 -10.98 -6.89 -14.88
C LEU A 237 -10.69 -8.09 -15.78
N PRO A 238 -10.00 -7.88 -16.91
CA PRO A 238 -9.59 -9.02 -17.74
C PRO A 238 -8.59 -9.87 -16.98
N ALA A 239 -8.56 -11.16 -17.30
CA ALA A 239 -7.55 -12.03 -16.69
C ALA A 239 -6.17 -11.57 -17.15
N PRO A 240 -5.19 -11.44 -16.24
CA PRO A 240 -3.82 -11.22 -16.70
C PRO A 240 -3.34 -12.37 -17.57
N LYS A 241 -2.40 -12.07 -18.48
CA LYS A 241 -1.86 -13.09 -19.37
C LYS A 241 -1.42 -14.31 -18.58
N ALA A 242 -0.62 -14.09 -17.53
CA ALA A 242 -0.35 -15.11 -16.51
C ALA A 242 -1.58 -15.18 -15.63
N ALA A 243 -2.49 -16.11 -15.94
CA ALA A 243 -3.85 -16.06 -15.39
C ALA A 243 -4.04 -16.89 -14.12
N GLU A 244 -2.96 -17.43 -13.53
CA GLU A 244 -3.10 -18.39 -12.42
C GLU A 244 -3.94 -17.84 -11.27
N LEU A 245 -4.00 -16.52 -11.10
CA LEU A 245 -4.68 -15.95 -9.96
C LEU A 245 -5.96 -15.24 -10.35
N ALA A 246 -6.37 -15.37 -11.62
CA ALA A 246 -7.50 -14.59 -12.12
C ALA A 246 -8.76 -14.89 -11.35
N ASN A 247 -9.02 -16.19 -11.04
CA ASN A 247 -10.29 -16.48 -10.38
C ASN A 247 -10.32 -15.87 -9.00
N LEU A 248 -9.17 -15.89 -8.29
CA LEU A 248 -9.12 -15.27 -6.96
C LEU A 248 -9.33 -13.77 -7.06
N ILE A 249 -8.68 -13.14 -8.04
CA ILE A 249 -8.84 -11.70 -8.26
C ILE A 249 -10.31 -11.37 -8.41
N ASN A 250 -11.00 -12.12 -9.26
CA ASN A 250 -12.41 -11.84 -9.50
C ASN A 250 -13.27 -12.14 -8.29
N ASN A 251 -12.98 -13.22 -7.54
CA ASN A 251 -13.74 -13.51 -6.33
C ASN A 251 -13.58 -12.44 -5.27
N CYS A 252 -12.38 -11.82 -5.18
CA CYS A 252 -12.18 -10.72 -4.24
C CYS A 252 -12.87 -9.47 -4.72
N MET A 253 -12.84 -9.22 -6.03
CA MET A 253 -13.47 -8.05 -6.60
C MET A 253 -14.95 -8.34 -6.87
N ASP A 254 -15.67 -8.64 -5.80
CA ASP A 254 -17.08 -8.99 -5.92
C ASP A 254 -17.91 -7.73 -5.68
N TYR A 255 -18.84 -7.41 -6.59
CA TYR A 255 -19.63 -6.20 -6.40
C TYR A 255 -20.48 -6.26 -5.14
N GLU A 256 -20.74 -7.45 -4.59
CA GLU A 256 -21.44 -7.57 -3.31
C GLU A 256 -20.42 -7.62 -2.18
N PRO A 257 -20.24 -6.54 -1.40
CA PRO A 257 -19.19 -6.56 -0.36
C PRO A 257 -19.33 -7.74 0.60
N ASP A 258 -20.56 -8.11 0.96
CA ASP A 258 -20.73 -9.18 1.94
C ASP A 258 -20.31 -10.54 1.41
N HIS A 259 -20.17 -10.69 0.11
CA HIS A 259 -19.80 -11.96 -0.46
C HIS A 259 -18.29 -12.10 -0.64
N ARG A 260 -17.52 -11.06 -0.35
CA ARG A 260 -16.10 -11.17 -0.60
C ARG A 260 -15.48 -12.10 0.46
N PRO A 261 -14.54 -12.93 0.07
CA PRO A 261 -14.10 -13.99 0.99
C PRO A 261 -13.21 -13.45 2.09
N SER A 262 -13.24 -14.13 3.24
CA SER A 262 -12.38 -13.78 4.36
C SER A 262 -10.95 -13.92 3.92
N PHE A 263 -10.04 -13.22 4.61
CA PHE A 263 -8.63 -13.43 4.26
C PHE A 263 -8.14 -14.83 4.63
N ARG A 264 -8.76 -15.49 5.60
CA ARG A 264 -8.36 -16.86 5.87
C ARG A 264 -8.67 -17.77 4.69
N ALA A 265 -9.86 -17.58 4.08
CA ALA A 265 -10.24 -18.34 2.88
C ALA A 265 -9.35 -17.97 1.69
N ILE A 266 -9.00 -16.70 1.58
CA ILE A 266 -8.05 -16.29 0.53
C ILE A 266 -6.73 -17.03 0.70
N ILE A 267 -6.22 -17.09 1.94
CA ILE A 267 -4.95 -17.78 2.18
C ILE A 267 -5.09 -19.26 1.88
N ARG A 268 -6.19 -19.88 2.29
CA ARG A 268 -6.38 -21.29 1.96
C ARG A 268 -6.40 -21.50 0.44
N ASP A 269 -6.99 -20.55 -0.29
CA ASP A 269 -7.02 -20.61 -1.75
C ASP A 269 -5.60 -20.51 -2.33
N LEU A 270 -4.81 -19.54 -1.83
CA LEU A 270 -3.47 -19.37 -2.35
C LEU A 270 -2.65 -20.62 -2.10
N ASN A 271 -2.78 -21.21 -0.90
CA ASN A 271 -2.03 -22.41 -0.57
C ASN A 271 -2.48 -23.60 -1.40
N SER A 272 -3.70 -23.58 -1.97
CA SER A 272 -4.07 -24.70 -2.83
C SER A 272 -3.32 -24.72 -4.17
N LEU A 273 -2.74 -23.60 -4.58
CA LEU A 273 -2.06 -23.53 -5.87
C LEU A 273 -0.58 -23.93 -5.83
#